data_4HVX
#
_entry.id   4HVX
#
_cell.length_a   91.662
_cell.length_b   64.486
_cell.length_c   71.125
_cell.angle_alpha   90.00
_cell.angle_beta   96.18
_cell.angle_gamma   90.00
#
_symmetry.space_group_name_H-M   'C 1 2 1'
#
loop_
_entity.id
_entity.type
_entity.pdbx_description
1 polymer 'Queuine tRNA-ribosyltransferase'
2 non-polymer 'ZINC ION'
3 non-polymer GLYCEROL
4 non-polymer 2-amino-5-({[(1S,4S,5R)-4,5-dihydroxycyclopent-2-en-1-yl]amino}methyl)-3,7-dihydro-4H-pyrrolo[2,3-d]pyrimidin-4-one
5 water water
#
_entity_poly.entity_id   1
_entity_poly.type   'polypeptide(L)'
_entity_poly.pdbx_seq_one_letter_code
;MVEATAQETDRPRFSFSIAAREGKARTGTIEMKRGVIRTPAFMPVGTAATVKALKPETVRATGADIILGNTYHLMLRPGA
ERIAKLGGLHSFMGWDRPILTDSGGFQVMSLSSLTKQSEEGVTFKSHLDGSRHMLSPERSIEIQHLLGSDIVMAFDEVTP
YPATPSRAASSMERSMRWAKRSRDAFDSRKEQAENAALFGIQQGSVFENLRQQSADALAEIGFDGYAVGGLAVGEGQDEM
FRVLDFSVPMLPDDKPHYLMGVGKPDDIVGAVERGIDMFDCVLPTRSGRNGQAFTWDGPINIRNARFSEDLKPLDSECHC
AVCQKWSRAYIHHLIRAGEILGAMLMTEHNIAFYQQLMQKIRDSISEGRFSQFAQDFRARYFARNS
;
_entity_poly.pdbx_strand_id   A
#
loop_
_chem_comp.id
_chem_comp.type
_chem_comp.name
_chem_comp.formula
GOL non-polymer GLYCEROL 'C3 H8 O3'
QEI non-polymer 2-amino-5-({[(1S,4S,5R)-4,5-dihydroxycyclopent-2-en-1-yl]amino}methyl)-3,7-dihydro-4H-pyrrolo[2,3-d]pyrimidin-4-one 'C12 H15 N5 O3'
ZN non-polymer 'ZINC ION' 'Zn 2'
#
# COMPACT_ATOMS: atom_id res chain seq x y z
N ARG A 11 5.94 -22.78 -4.56
CA ARG A 11 6.49 -21.46 -4.85
C ARG A 11 7.70 -21.16 -3.97
N PRO A 12 8.58 -20.26 -4.42
CA PRO A 12 9.73 -19.88 -3.59
C PRO A 12 9.31 -18.94 -2.46
N ARG A 13 10.19 -18.74 -1.50
CA ARG A 13 10.00 -17.73 -0.45
C ARG A 13 9.70 -16.37 -1.08
N PHE A 14 10.54 -15.96 -2.04
CA PHE A 14 10.33 -14.67 -2.70
C PHE A 14 11.00 -14.65 -4.07
N SER A 15 10.22 -14.32 -5.10
CA SER A 15 10.77 -14.16 -6.45
C SER A 15 10.03 -13.08 -7.22
N PHE A 16 10.73 -12.04 -7.66
CA PHE A 16 10.10 -10.99 -8.44
C PHE A 16 10.58 -11.09 -9.86
N SER A 17 9.65 -11.18 -10.80
CA SER A 17 10.04 -11.24 -12.21
C SER A 17 9.29 -10.19 -13.01
N ILE A 18 10.06 -9.49 -13.83
CA ILE A 18 9.52 -8.43 -14.65
C ILE A 18 9.21 -8.97 -16.04
N ALA A 19 7.91 -9.00 -16.36
CA ALA A 19 7.44 -9.57 -17.62
C ALA A 19 7.49 -8.55 -18.75
N ALA A 20 7.27 -7.26 -18.43
CA ALA A 20 7.21 -6.25 -19.47
C ALA A 20 7.54 -4.85 -18.95
N ARG A 21 8.07 -4.01 -19.83
CA ARG A 21 8.45 -2.66 -19.44
CA ARG A 21 8.48 -2.65 -19.46
C ARG A 21 8.02 -1.66 -20.51
N GLU A 22 7.72 -0.44 -20.08
CA GLU A 22 7.47 0.67 -20.99
C GLU A 22 8.03 1.89 -20.28
N GLY A 23 9.13 2.43 -20.79
CA GLY A 23 9.82 3.49 -20.07
C GLY A 23 10.25 3.02 -18.69
N LYS A 24 9.87 3.76 -17.65
CA LYS A 24 10.21 3.37 -16.28
C LYS A 24 9.19 2.39 -15.69
N ALA A 25 8.06 2.23 -16.37
CA ALA A 25 6.99 1.37 -15.88
C ALA A 25 7.31 -0.10 -16.11
N ARG A 26 6.89 -0.94 -15.17
CA ARG A 26 7.13 -2.39 -15.25
C ARG A 26 5.88 -3.13 -14.84
N THR A 27 5.66 -4.30 -15.42
CA THR A 27 4.64 -5.19 -14.91
C THR A 27 5.24 -6.57 -14.77
N GLY A 28 4.76 -7.32 -13.78
CA GLY A 28 5.29 -8.64 -13.55
C GLY A 28 4.60 -9.28 -12.38
N THR A 29 5.32 -10.12 -11.65
CA THR A 29 4.73 -10.87 -10.56
C THR A 29 5.73 -11.05 -9.43
N ILE A 30 5.22 -11.07 -8.21
CA ILE A 30 6.00 -11.52 -7.07
C ILE A 30 5.45 -12.89 -6.67
N GLU A 31 6.30 -13.91 -6.68
CA GLU A 31 5.90 -15.24 -6.22
C GLU A 31 6.27 -15.42 -4.76
N MET A 32 5.30 -15.82 -3.93
CA MET A 32 5.57 -16.14 -2.52
C MET A 32 4.89 -17.43 -2.13
N LYS A 33 5.20 -17.94 -0.94
CA LYS A 33 4.66 -19.22 -0.54
C LYS A 33 3.13 -19.23 -0.53
N ARG A 34 2.53 -18.15 -0.03
CA ARG A 34 1.07 -18.08 0.03
C ARG A 34 0.36 -17.59 -1.22
N GLY A 35 1.11 -17.21 -2.24
CA GLY A 35 0.51 -16.88 -3.52
C GLY A 35 1.30 -15.92 -4.39
N VAL A 36 0.70 -15.60 -5.53
CA VAL A 36 1.31 -14.74 -6.53
C VAL A 36 0.70 -13.36 -6.46
N ILE A 37 1.56 -12.36 -6.54
CA ILE A 37 1.14 -10.97 -6.55
C ILE A 37 1.43 -10.36 -7.90
N ARG A 38 0.38 -9.92 -8.58
CA ARG A 38 0.55 -9.26 -9.87
C ARG A 38 0.92 -7.79 -9.64
N THR A 39 1.94 -7.31 -10.34
CA THR A 39 2.38 -5.93 -10.16
C THR A 39 2.28 -5.17 -11.49
N PRO A 40 1.99 -3.84 -11.44
CA PRO A 40 1.80 -3.04 -10.22
C PRO A 40 0.60 -3.51 -9.40
N ALA A 41 0.71 -3.48 -8.08
CA ALA A 41 -0.33 -4.04 -7.19
C ALA A 41 -0.91 -2.96 -6.29
N PHE A 42 -2.20 -3.06 -6.02
CA PHE A 42 -2.79 -2.23 -4.96
C PHE A 42 -3.17 -3.15 -3.80
N MET A 43 -2.77 -2.78 -2.59
CA MET A 43 -3.00 -3.60 -1.40
C MET A 43 -4.02 -2.90 -0.51
N PRO A 44 -5.23 -3.47 -0.38
CA PRO A 44 -6.22 -2.91 0.54
C PRO A 44 -5.65 -2.99 1.96
N VAL A 45 -5.98 -1.99 2.76
CA VAL A 45 -5.47 -1.92 4.13
C VAL A 45 -6.43 -2.52 5.15
N GLY A 46 -5.94 -3.49 5.92
CA GLY A 46 -6.66 -4.04 7.04
C GLY A 46 -6.18 -3.37 8.34
N THR A 47 -6.97 -2.48 8.90
CA THR A 47 -6.49 -1.76 10.08
C THR A 47 -6.47 -2.62 11.35
N ALA A 48 -7.61 -3.16 11.76
CA ALA A 48 -7.66 -3.96 12.98
C ALA A 48 -7.96 -5.43 12.67
N ALA A 49 -7.14 -6.03 11.82
CA ALA A 49 -7.34 -7.41 11.34
C ALA A 49 -8.67 -7.56 10.60
N THR A 50 -9.08 -6.50 9.93
CA THR A 50 -10.21 -6.57 9.02
C THR A 50 -10.05 -5.48 7.96
N VAL A 51 -10.40 -5.80 6.72
CA VAL A 51 -10.50 -4.77 5.69
C VAL A 51 -11.90 -4.24 5.89
N LYS A 52 -11.99 -2.99 6.33
CA LYS A 52 -13.26 -2.44 6.81
C LYS A 52 -14.50 -2.76 5.97
N ALA A 53 -15.48 -3.37 6.63
CA ALA A 53 -16.81 -3.68 6.07
C ALA A 53 -16.80 -4.78 5.00
N LEU A 54 -15.69 -5.51 4.85
CA LEU A 54 -15.61 -6.60 3.84
C LEU A 54 -15.14 -7.94 4.41
N LYS A 55 -15.82 -9.02 4.05
CA LYS A 55 -15.27 -10.35 4.29
C LYS A 55 -14.05 -10.54 3.41
N PRO A 56 -13.07 -11.34 3.86
CA PRO A 56 -11.90 -11.67 3.03
C PRO A 56 -12.28 -12.22 1.66
N GLU A 57 -13.31 -13.05 1.57
CA GLU A 57 -13.72 -13.58 0.26
C GLU A 57 -14.09 -12.43 -0.68
N THR A 58 -14.75 -11.40 -0.16
CA THR A 58 -15.13 -10.23 -0.95
C THR A 58 -13.92 -9.42 -1.39
N VAL A 59 -12.97 -9.25 -0.47
CA VAL A 59 -11.69 -8.62 -0.83
C VAL A 59 -11.02 -9.35 -2.01
N ARG A 60 -10.97 -10.67 -1.90
CA ARG A 60 -10.32 -11.46 -2.95
C ARG A 60 -11.12 -11.31 -4.24
N ALA A 61 -12.45 -11.32 -4.13
CA ALA A 61 -13.30 -11.29 -5.33
C ALA A 61 -13.11 -9.98 -6.10
N THR A 62 -12.68 -8.92 -5.43
CA THR A 62 -12.41 -7.68 -6.14
C THR A 62 -11.12 -7.75 -6.96
N GLY A 63 -10.27 -8.73 -6.66
CA GLY A 63 -9.05 -8.93 -7.42
C GLY A 63 -7.79 -8.71 -6.61
N ALA A 64 -7.91 -8.34 -5.34
CA ALA A 64 -6.71 -8.17 -4.48
C ALA A 64 -5.92 -9.46 -4.31
N ASP A 65 -4.59 -9.36 -4.43
CA ASP A 65 -3.68 -10.51 -4.30
C ASP A 65 -3.00 -10.54 -2.93
N ILE A 66 -3.05 -9.39 -2.23
CA ILE A 66 -2.32 -9.22 -0.97
C ILE A 66 -2.97 -8.04 -0.25
N ILE A 67 -2.98 -8.09 1.08
CA ILE A 67 -3.52 -6.97 1.86
C ILE A 67 -2.46 -6.52 2.85
N LEU A 68 -2.68 -5.35 3.44
CA LEU A 68 -1.72 -4.77 4.39
C LEU A 68 -2.30 -4.82 5.77
N GLY A 69 -1.51 -5.29 6.73
CA GLY A 69 -1.90 -5.25 8.14
C GLY A 69 -1.11 -4.17 8.87
N ASN A 70 -1.73 -3.46 9.80
CA ASN A 70 -1.05 -2.41 10.58
C ASN A 70 -0.45 -2.91 11.90
N THR A 71 0.86 -2.92 11.99
CA THR A 71 1.56 -3.42 13.17
C THR A 71 1.22 -2.63 14.45
N TYR A 72 1.17 -1.31 14.33
CA TYR A 72 0.87 -0.45 15.49
C TYR A 72 -0.48 -0.78 16.11
N HIS A 73 -1.51 -0.90 15.27
CA HIS A 73 -2.84 -1.14 15.80
C HIS A 73 -2.97 -2.54 16.40
N LEU A 74 -2.45 -3.54 15.69
CA LEU A 74 -2.56 -4.93 16.10
C LEU A 74 -1.80 -5.21 17.40
N MET A 75 -0.66 -4.54 17.60
CA MET A 75 0.08 -4.76 18.84
C MET A 75 -0.70 -4.23 20.04
N LEU A 76 -1.54 -3.22 19.80
CA LEU A 76 -2.36 -2.66 20.88
C LEU A 76 -3.62 -3.49 21.07
N ARG A 77 -4.35 -3.74 19.99
CA ARG A 77 -5.48 -4.66 20.07
C ARG A 77 -5.63 -5.47 18.78
N PRO A 78 -5.74 -6.80 18.91
CA PRO A 78 -5.84 -7.60 20.13
C PRO A 78 -4.53 -7.95 20.80
N GLY A 79 -3.40 -7.54 20.21
CA GLY A 79 -2.09 -7.88 20.78
C GLY A 79 -1.36 -8.91 19.95
N ALA A 80 -0.05 -8.71 19.76
CA ALA A 80 0.69 -9.56 18.82
C ALA A 80 0.83 -10.97 19.35
N GLU A 81 1.17 -11.08 20.63
CA GLU A 81 1.30 -12.37 21.26
C GLU A 81 -0.01 -13.17 21.26
N ARG A 82 -1.12 -12.50 21.54
CA ARG A 82 -2.43 -13.17 21.48
C ARG A 82 -2.73 -13.71 20.08
N ILE A 83 -2.49 -12.89 19.05
CA ILE A 83 -2.69 -13.35 17.67
C ILE A 83 -1.83 -14.57 17.33
N ALA A 84 -0.57 -14.56 17.76
CA ALA A 84 0.31 -15.72 17.56
C ALA A 84 -0.30 -16.95 18.24
N LYS A 85 -0.78 -16.77 19.47
CA LYS A 85 -1.33 -17.87 20.25
C LYS A 85 -2.56 -18.43 19.54
N LEU A 86 -3.26 -17.58 18.80
CA LEU A 86 -4.48 -17.98 18.10
C LEU A 86 -4.19 -18.50 16.70
N GLY A 87 -2.91 -18.56 16.32
CA GLY A 87 -2.54 -19.17 15.06
C GLY A 87 -2.00 -18.22 14.01
N GLY A 88 -1.78 -16.96 14.39
CA GLY A 88 -1.30 -16.00 13.41
C GLY A 88 -2.40 -15.22 12.71
N LEU A 89 -2.02 -14.13 12.05
CA LEU A 89 -3.01 -13.19 11.52
C LEU A 89 -3.86 -13.80 10.40
N HIS A 90 -3.23 -14.59 9.54
CA HIS A 90 -3.97 -15.20 8.42
C HIS A 90 -5.15 -16.02 8.93
N SER A 91 -4.86 -16.86 9.91
CA SER A 91 -5.85 -17.78 10.45
C SER A 91 -6.92 -16.99 11.19
N PHE A 92 -6.47 -15.99 11.95
CA PHE A 92 -7.34 -15.17 12.79
C PHE A 92 -8.40 -14.46 11.95
N MET A 93 -7.97 -13.81 10.87
CA MET A 93 -8.92 -13.01 10.08
C MET A 93 -9.50 -13.73 8.86
N GLY A 94 -8.99 -14.92 8.57
CA GLY A 94 -9.50 -15.68 7.45
C GLY A 94 -9.04 -15.25 6.06
N TRP A 95 -7.80 -14.75 5.95
CA TRP A 95 -7.20 -14.39 4.67
C TRP A 95 -5.96 -15.26 4.56
N ASP A 96 -5.90 -16.13 3.54
CA ASP A 96 -4.79 -17.08 3.44
C ASP A 96 -3.75 -16.74 2.39
N ARG A 97 -3.89 -15.56 1.79
CA ARG A 97 -2.97 -15.09 0.76
C ARG A 97 -1.91 -14.20 1.44
N PRO A 98 -0.95 -13.66 0.66
CA PRO A 98 0.09 -12.87 1.33
C PRO A 98 -0.45 -11.65 2.08
N ILE A 99 0.23 -11.30 3.16
CA ILE A 99 -0.08 -10.11 3.93
C ILE A 99 1.24 -9.36 4.10
N LEU A 100 1.22 -8.06 3.85
CA LEU A 100 2.35 -7.21 4.15
C LEU A 100 2.02 -6.46 5.43
N THR A 101 2.98 -6.38 6.34
CA THR A 101 2.77 -5.61 7.55
C THR A 101 3.69 -4.40 7.58
N ASP A 102 3.15 -3.24 7.95
CA ASP A 102 3.97 -2.05 8.13
C ASP A 102 4.76 -2.19 9.44
N SER A 103 5.73 -1.31 9.67
CA SER A 103 6.65 -1.55 10.77
C SER A 103 6.18 -0.87 12.05
N GLY A 104 5.23 0.04 11.91
CA GLY A 104 4.73 0.81 13.04
C GLY A 104 5.39 2.17 13.15
N GLY A 105 6.39 2.42 12.30
CA GLY A 105 7.15 3.66 12.31
C GLY A 105 6.32 4.91 12.08
N PHE A 106 5.34 4.83 11.20
CA PHE A 106 4.57 6.01 10.85
C PHE A 106 3.56 6.35 11.96
N GLN A 107 2.85 5.33 12.44
CA GLN A 107 1.83 5.55 13.46
C GLN A 107 2.41 6.03 14.77
N VAL A 108 3.52 5.45 15.17
CA VAL A 108 4.13 5.77 16.45
C VAL A 108 4.62 7.22 16.44
N MET A 109 4.80 7.78 15.24
CA MET A 109 5.15 9.18 15.09
C MET A 109 3.91 10.06 15.29
N GLN A 117 11.74 9.45 22.00
CA GLN A 117 12.51 8.75 20.97
C GLN A 117 13.99 8.72 21.38
N SER A 118 14.70 7.69 20.92
CA SER A 118 16.12 7.60 21.19
C SER A 118 16.72 6.65 20.17
N GLU A 119 18.03 6.46 20.20
CA GLU A 119 18.66 5.58 19.22
C GLU A 119 18.18 4.13 19.35
N GLU A 120 17.76 3.73 20.54
CA GLU A 120 17.31 2.37 20.79
C GLU A 120 15.94 2.10 20.17
N GLY A 121 15.09 3.13 20.14
CA GLY A 121 13.75 3.01 19.59
C GLY A 121 12.81 4.09 20.11
N VAL A 122 11.52 3.79 20.11
CA VAL A 122 10.55 4.74 20.63
C VAL A 122 9.74 4.11 21.77
N THR A 123 9.47 4.89 22.81
CA THR A 123 8.56 4.48 23.87
C THR A 123 7.32 5.37 23.79
N PHE A 124 6.18 4.82 24.20
CA PHE A 124 4.89 5.51 24.07
C PHE A 124 3.80 4.78 24.85
N HIS A 133 4.17 1.59 25.89
CA HIS A 133 4.76 0.54 25.07
C HIS A 133 6.04 1.00 24.40
N MET A 134 6.92 0.05 24.09
CA MET A 134 8.18 0.35 23.43
C MET A 134 8.19 -0.20 22.01
N LEU A 135 8.87 0.50 21.10
CA LEU A 135 9.04 0.01 19.74
C LEU A 135 10.47 0.28 19.26
N SER A 136 11.13 -0.77 18.83
CA SER A 136 12.53 -0.71 18.41
C SER A 136 12.58 -1.51 17.12
N PRO A 137 13.71 -1.44 16.38
CA PRO A 137 13.77 -2.30 15.19
C PRO A 137 13.51 -3.77 15.55
N GLU A 138 14.03 -4.20 16.70
CA GLU A 138 13.95 -5.61 17.11
C GLU A 138 12.53 -6.03 17.51
N ARG A 139 11.86 -5.17 18.26
CA ARG A 139 10.49 -5.43 18.66
C ARG A 139 9.51 -5.39 17.49
N SER A 140 9.75 -4.50 16.52
CA SER A 140 8.89 -4.38 15.35
C SER A 140 9.01 -5.65 14.53
N ILE A 141 10.23 -6.08 14.35
CA ILE A 141 10.45 -7.30 13.59
C ILE A 141 9.78 -8.47 14.29
N GLU A 142 9.91 -8.52 15.61
CA GLU A 142 9.32 -9.57 16.44
C GLU A 142 7.81 -9.60 16.35
N ILE A 143 7.20 -8.42 16.45
CA ILE A 143 5.74 -8.33 16.30
C ILE A 143 5.29 -8.85 14.93
N GLN A 144 6.01 -8.48 13.88
CA GLN A 144 5.61 -8.91 12.55
C GLN A 144 5.80 -10.41 12.39
N HIS A 145 6.76 -10.97 13.13
CA HIS A 145 6.94 -12.41 13.14
C HIS A 145 5.75 -13.08 13.85
N LEU A 146 5.37 -12.53 15.00
CA LEU A 146 4.23 -13.03 15.77
C LEU A 146 2.94 -13.03 14.94
N LEU A 147 2.75 -11.99 14.12
CA LEU A 147 1.57 -11.92 13.27
C LEU A 147 1.63 -12.92 12.12
N GLY A 148 2.84 -13.37 11.77
CA GLY A 148 3.03 -14.31 10.68
C GLY A 148 3.03 -13.63 9.31
N SER A 149 3.43 -12.36 9.31
CA SER A 149 3.49 -11.53 8.09
C SER A 149 4.36 -12.16 6.97
N ASP A 150 3.93 -12.03 5.72
CA ASP A 150 4.72 -12.55 4.58
C ASP A 150 5.75 -11.54 4.13
N ILE A 151 5.37 -10.27 4.10
CA ILE A 151 6.33 -9.22 3.77
C ILE A 151 6.47 -8.31 4.97
N VAL A 152 7.68 -8.28 5.51
CA VAL A 152 8.00 -7.56 6.73
C VAL A 152 8.70 -6.26 6.34
N MET A 153 8.29 -5.15 6.98
CA MET A 153 8.88 -3.82 6.69
C MET A 153 9.90 -3.50 7.80
N ALA A 154 11.06 -2.99 7.39
CA ALA A 154 12.09 -2.57 8.33
C ALA A 154 11.53 -1.42 9.16
N PHE A 155 12.00 -1.27 10.39
CA PHE A 155 11.56 -0.21 11.29
C PHE A 155 12.39 1.05 11.02
N ASP A 156 11.69 2.15 10.72
CA ASP A 156 12.33 3.38 10.31
C ASP A 156 11.91 4.55 11.19
N GLU A 157 12.60 5.68 11.04
CA GLU A 157 12.18 6.94 11.63
C GLU A 157 11.70 7.86 10.49
N VAL A 158 10.47 8.35 10.61
CA VAL A 158 9.91 9.10 9.49
C VAL A 158 10.07 10.60 9.67
N THR A 159 10.72 11.21 8.69
CA THR A 159 11.04 12.64 8.71
C THR A 159 9.80 13.46 8.40
N PRO A 160 9.39 14.30 9.34
CA PRO A 160 8.23 15.17 9.10
C PRO A 160 8.47 16.12 7.90
N TYR A 161 7.39 16.54 7.25
CA TYR A 161 7.51 17.51 6.17
C TYR A 161 6.83 18.80 6.57
N PRO A 162 7.53 19.95 6.45
CA PRO A 162 8.86 20.10 5.87
C PRO A 162 10.01 19.77 6.83
N ALA A 163 11.19 19.50 6.27
CA ALA A 163 12.38 19.20 7.07
C ALA A 163 13.62 19.89 6.51
N THR A 164 14.44 20.43 7.40
CA THR A 164 15.72 21.01 7.01
C THR A 164 16.63 19.90 6.51
N PRO A 165 17.58 20.23 5.63
CA PRO A 165 18.59 19.26 5.17
C PRO A 165 19.25 18.52 6.33
N SER A 166 19.59 19.24 7.40
CA SER A 166 20.26 18.65 8.56
C SER A 166 19.41 17.62 9.30
N ARG A 167 18.17 17.99 9.63
CA ARG A 167 17.26 17.06 10.30
C ARG A 167 16.89 15.84 9.44
N ALA A 168 16.72 16.05 8.14
CA ALA A 168 16.43 14.92 7.25
C ALA A 168 17.61 13.95 7.15
N ALA A 169 18.82 14.49 7.13
CA ALA A 169 20.02 13.66 7.12
C ALA A 169 20.09 12.85 8.40
N SER A 170 19.89 13.50 9.55
CA SER A 170 19.92 12.82 10.84
C SER A 170 18.93 11.67 10.90
N SER A 171 17.68 11.91 10.51
CA SER A 171 16.67 10.85 10.49
C SER A 171 17.01 9.77 9.51
N MET A 172 17.46 10.16 8.33
CA MET A 172 17.78 9.16 7.31
C MET A 172 18.89 8.27 7.84
N GLU A 173 19.91 8.90 8.42
CA GLU A 173 21.07 8.16 8.96
C GLU A 173 20.63 7.18 10.03
N ARG A 174 19.76 7.64 10.94
CA ARG A 174 19.25 6.76 11.97
C ARG A 174 18.42 5.62 11.36
N SER A 175 17.63 5.92 10.34
CA SER A 175 16.80 4.88 9.73
C SER A 175 17.66 3.82 9.07
N MET A 176 18.81 4.22 8.55
CA MET A 176 19.70 3.25 7.91
C MET A 176 20.34 2.34 8.96
N ARG A 177 20.70 2.93 10.10
CA ARG A 177 21.19 2.12 11.22
C ARG A 177 20.11 1.16 11.70
N TRP A 178 18.87 1.65 11.75
CA TRP A 178 17.74 0.82 12.13
C TRP A 178 17.41 -0.24 11.05
N ALA A 179 17.71 0.06 9.80
CA ALA A 179 17.48 -0.89 8.71
C ALA A 179 18.41 -2.08 8.87
N LYS A 180 19.65 -1.80 9.24
CA LYS A 180 20.62 -2.84 9.53
C LYS A 180 20.13 -3.68 10.70
N ARG A 181 19.71 -3.01 11.78
CA ARG A 181 19.20 -3.72 12.93
C ARG A 181 17.98 -4.60 12.60
N SER A 182 17.13 -4.11 11.71
CA SER A 182 15.95 -4.85 11.26
C SER A 182 16.36 -6.11 10.50
N ARG A 183 17.33 -5.93 9.62
CA ARG A 183 17.88 -6.99 8.81
C ARG A 183 18.42 -8.09 9.71
N ASP A 184 19.28 -7.72 10.66
CA ASP A 184 19.85 -8.69 11.59
C ASP A 184 18.80 -9.41 12.47
N ALA A 185 17.77 -8.68 12.92
CA ALA A 185 16.73 -9.27 13.74
C ALA A 185 15.90 -10.25 12.91
N PHE A 186 15.58 -9.86 11.69
CA PHE A 186 14.84 -10.72 10.76
C PHE A 186 15.63 -12.01 10.49
N ASP A 187 16.91 -11.85 10.18
CA ASP A 187 17.78 -13.00 9.87
C ASP A 187 18.02 -13.97 11.05
N SER A 188 17.95 -13.45 12.27
CA SER A 188 18.19 -14.25 13.48
C SER A 188 17.06 -15.23 13.79
N ARG A 189 15.91 -15.05 13.14
CA ARG A 189 14.77 -15.94 13.31
C ARG A 189 14.59 -16.88 12.11
N LYS A 190 15.01 -18.13 12.27
CA LYS A 190 15.03 -19.10 11.17
C LYS A 190 13.71 -19.20 10.42
N GLU A 191 12.62 -19.41 11.16
CA GLU A 191 11.30 -19.54 10.56
C GLU A 191 10.90 -18.31 9.73
N GLN A 192 11.27 -17.13 10.23
CA GLN A 192 10.96 -15.89 9.53
C GLN A 192 11.81 -15.72 8.26
N ALA A 193 13.12 -15.90 8.39
CA ALA A 193 14.05 -15.73 7.28
C ALA A 193 13.77 -16.69 6.12
N GLU A 194 13.27 -17.88 6.44
CA GLU A 194 13.02 -18.92 5.45
C GLU A 194 11.68 -18.78 4.72
N ASN A 195 10.74 -18.08 5.34
CA ASN A 195 9.37 -18.06 4.82
C ASN A 195 8.84 -16.69 4.45
N ALA A 196 9.41 -15.64 5.01
CA ALA A 196 8.93 -14.29 4.73
C ALA A 196 10.01 -13.50 3.98
N ALA A 197 9.63 -12.30 3.53
CA ALA A 197 10.54 -11.37 2.86
C ALA A 197 10.65 -10.10 3.70
N LEU A 198 11.76 -9.38 3.52
CA LEU A 198 12.00 -8.14 4.26
C LEU A 198 12.23 -6.99 3.29
N PHE A 199 11.51 -5.87 3.48
CA PHE A 199 11.70 -4.71 2.61
C PHE A 199 12.38 -3.64 3.44
N GLY A 200 13.32 -2.93 2.83
CA GLY A 200 13.95 -1.77 3.47
C GLY A 200 13.21 -0.53 3.03
N ILE A 201 13.34 0.56 3.79
CA ILE A 201 12.63 1.78 3.45
C ILE A 201 13.57 2.93 3.21
N GLN A 202 13.50 3.53 2.03
CA GLN A 202 14.31 4.68 1.71
C GLN A 202 13.74 5.93 2.38
N GLN A 203 14.61 6.74 3.01
CA GLN A 203 14.19 8.04 3.54
C GLN A 203 15.06 9.13 2.91
N GLY A 204 15.03 10.33 3.47
CA GLY A 204 15.82 11.40 2.90
C GLY A 204 15.01 12.60 2.45
N SER A 205 13.73 12.62 2.81
CA SER A 205 12.86 13.75 2.53
C SER A 205 12.85 14.05 1.03
N VAL A 206 13.01 15.31 0.67
CA VAL A 206 12.97 15.71 -0.74
C VAL A 206 14.36 15.97 -1.33
N PHE A 207 15.41 15.58 -0.59
CA PHE A 207 16.78 15.92 -0.98
C PHE A 207 17.47 14.77 -1.72
N GLU A 208 17.93 15.05 -2.93
CA GLU A 208 18.48 14.04 -3.81
C GLU A 208 19.68 13.32 -3.21
N ASN A 209 20.57 14.09 -2.60
CA ASN A 209 21.77 13.53 -2.00
C ASN A 209 21.44 12.56 -0.86
N LEU A 210 20.48 12.93 -0.02
CA LEU A 210 20.09 12.08 1.10
C LEU A 210 19.39 10.81 0.63
N ARG A 211 18.56 10.96 -0.40
CA ARG A 211 17.89 9.82 -1.01
C ARG A 211 18.93 8.85 -1.58
N GLN A 212 19.96 9.42 -2.20
CA GLN A 212 21.04 8.62 -2.77
C GLN A 212 21.76 7.84 -1.70
N GLN A 213 22.13 8.52 -0.61
CA GLN A 213 22.85 7.86 0.48
C GLN A 213 22.04 6.75 1.09
N SER A 214 20.74 7.02 1.27
CA SER A 214 19.81 6.02 1.80
C SER A 214 19.72 4.81 0.88
N ALA A 215 19.59 5.06 -0.41
CA ALA A 215 19.46 3.96 -1.36
C ALA A 215 20.74 3.14 -1.37
N ASP A 216 21.88 3.82 -1.31
CA ASP A 216 23.16 3.14 -1.30
C ASP A 216 23.28 2.27 -0.06
N ALA A 217 22.86 2.81 1.08
CA ALA A 217 22.95 2.09 2.35
C ALA A 217 22.08 0.84 2.36
N LEU A 218 20.83 0.98 1.90
CA LEU A 218 19.87 -0.11 1.84
C LEU A 218 20.36 -1.22 0.92
N ALA A 219 20.91 -0.85 -0.22
CA ALA A 219 21.40 -1.84 -1.17
C ALA A 219 22.62 -2.56 -0.62
N GLU A 220 23.42 -1.86 0.18
CA GLU A 220 24.62 -2.47 0.78
C GLU A 220 24.19 -3.54 1.77
N ILE A 221 23.15 -3.25 2.52
CA ILE A 221 22.55 -4.20 3.44
C ILE A 221 21.88 -5.35 2.68
N GLY A 222 21.07 -5.00 1.69
CA GLY A 222 20.40 -5.98 0.84
C GLY A 222 19.03 -6.34 1.39
N PHE A 223 18.02 -6.11 0.57
CA PHE A 223 16.64 -6.39 0.95
C PHE A 223 15.93 -7.06 -0.21
N ASP A 224 14.76 -7.63 0.07
CA ASP A 224 13.97 -8.32 -0.94
C ASP A 224 13.19 -7.32 -1.80
N GLY A 225 12.93 -6.15 -1.23
CA GLY A 225 12.21 -5.09 -1.90
C GLY A 225 12.55 -3.77 -1.24
N TYR A 226 12.23 -2.68 -1.92
CA TYR A 226 12.58 -1.34 -1.44
C TYR A 226 11.37 -0.41 -1.50
N ALA A 227 11.09 0.22 -0.37
CA ALA A 227 9.98 1.15 -0.29
C ALA A 227 10.52 2.57 -0.34
N VAL A 228 9.78 3.45 -1.00
CA VAL A 228 10.08 4.86 -0.94
C VAL A 228 9.24 5.40 0.23
N GLY A 229 9.89 5.74 1.33
CA GLY A 229 9.13 6.19 2.50
C GLY A 229 9.14 7.70 2.58
N GLY A 230 8.38 8.24 3.51
CA GLY A 230 8.49 9.67 3.82
C GLY A 230 7.85 10.58 2.78
N LEU A 231 7.02 10.00 1.91
CA LEU A 231 6.24 10.82 0.98
C LEU A 231 4.76 10.78 1.35
N ALA A 232 3.96 11.60 0.67
CA ALA A 232 2.54 11.75 1.00
C ALA A 232 2.38 12.09 2.47
N VAL A 233 3.12 13.10 2.89
CA VAL A 233 3.09 13.56 4.27
C VAL A 233 2.86 15.05 4.34
N GLY A 234 2.35 15.62 3.25
CA GLY A 234 2.02 17.03 3.24
C GLY A 234 2.46 17.73 1.98
N GLU A 235 3.47 17.16 1.30
CA GLU A 235 3.95 17.73 0.06
C GLU A 235 2.88 17.52 -0.99
N GLY A 236 2.89 18.34 -2.04
CA GLY A 236 1.91 18.18 -3.09
C GLY A 236 2.26 17.05 -4.04
N GLN A 237 1.39 16.81 -5.02
CA GLN A 237 1.66 15.77 -6.01
C GLN A 237 2.87 16.15 -6.87
N ASP A 238 3.01 17.44 -7.17
CA ASP A 238 4.11 17.88 -8.02
C ASP A 238 5.42 17.50 -7.36
N GLU A 239 5.52 17.79 -6.07
CA GLU A 239 6.75 17.57 -5.31
C GLU A 239 7.01 16.09 -5.11
N MET A 240 5.94 15.33 -4.84
CA MET A 240 6.06 13.89 -4.73
C MET A 240 6.58 13.30 -6.02
N PHE A 241 6.03 13.75 -7.15
CA PHE A 241 6.46 13.23 -8.43
C PHE A 241 7.91 13.64 -8.70
N ARG A 242 8.26 14.86 -8.29
CA ARG A 242 9.63 15.34 -8.42
C ARG A 242 10.63 14.44 -7.67
N VAL A 243 10.32 14.13 -6.42
CA VAL A 243 11.15 13.22 -5.62
C VAL A 243 11.18 11.81 -6.20
N LEU A 244 10.04 11.31 -6.65
CA LEU A 244 10.03 9.99 -7.29
C LEU A 244 10.95 9.94 -8.52
N ASP A 245 10.99 11.03 -9.27
CA ASP A 245 11.76 11.09 -10.51
C ASP A 245 13.22 10.69 -10.30
N PHE A 246 13.87 11.25 -9.27
CA PHE A 246 15.26 10.92 -8.98
C PHE A 246 15.45 9.74 -8.02
N SER A 247 14.47 9.48 -7.17
CA SER A 247 14.60 8.48 -6.11
C SER A 247 14.42 7.04 -6.55
N VAL A 248 13.43 6.78 -7.39
CA VAL A 248 13.21 5.39 -7.78
C VAL A 248 14.37 4.76 -8.58
N PRO A 249 14.96 5.48 -9.54
CA PRO A 249 16.14 4.92 -10.22
C PRO A 249 17.38 4.64 -9.33
N MET A 250 17.40 5.18 -8.12
CA MET A 250 18.49 4.87 -7.20
C MET A 250 18.35 3.48 -6.60
N LEU A 251 17.13 2.94 -6.62
CA LEU A 251 16.83 1.65 -6.02
C LEU A 251 17.21 0.56 -7.00
N PRO A 252 17.53 -0.65 -6.49
CA PRO A 252 17.87 -1.77 -7.35
C PRO A 252 16.73 -2.06 -8.33
N ASP A 253 17.05 -2.15 -9.61
CA ASP A 253 16.05 -2.29 -10.66
C ASP A 253 15.29 -3.61 -10.57
N ASP A 254 16.00 -4.66 -10.16
CA ASP A 254 15.46 -6.02 -10.16
C ASP A 254 14.61 -6.41 -8.95
N LYS A 255 14.31 -5.44 -8.09
CA LYS A 255 13.51 -5.70 -6.91
C LYS A 255 12.28 -4.80 -6.91
N PRO A 256 11.20 -5.23 -6.24
CA PRO A 256 9.98 -4.43 -6.19
C PRO A 256 10.20 -3.05 -5.52
N HIS A 257 9.48 -2.05 -6.00
CA HIS A 257 9.52 -0.68 -5.50
C HIS A 257 8.16 -0.33 -4.95
N TYR A 258 8.10 0.01 -3.67
CA TYR A 258 6.84 0.15 -2.95
C TYR A 258 6.67 1.58 -2.47
N LEU A 259 5.65 2.28 -2.95
CA LEU A 259 5.42 3.64 -2.49
C LEU A 259 4.35 3.66 -1.39
N MET A 260 4.77 3.89 -0.15
CA MET A 260 3.88 3.67 0.99
C MET A 260 2.84 4.80 1.16
N GLY A 261 1.59 4.40 1.36
CA GLY A 261 0.52 5.34 1.70
C GLY A 261 0.05 6.17 0.52
N VAL A 262 0.24 5.64 -0.68
CA VAL A 262 -0.25 6.29 -1.90
C VAL A 262 -1.09 5.29 -2.69
N GLY A 263 -2.29 5.66 -3.13
CA GLY A 263 -2.90 6.97 -2.94
C GLY A 263 -4.11 7.13 -3.86
N LYS A 264 -4.37 8.37 -4.29
CA LYS A 264 -5.45 8.65 -5.24
C LYS A 264 -5.13 7.96 -6.57
N PRO A 265 -6.17 7.64 -7.37
CA PRO A 265 -5.94 7.00 -8.67
C PRO A 265 -4.91 7.72 -9.55
N ASP A 266 -4.99 9.04 -9.64
CA ASP A 266 -4.03 9.78 -10.46
C ASP A 266 -2.60 9.75 -9.87
N ASP A 267 -2.49 9.66 -8.55
CA ASP A 267 -1.18 9.48 -7.91
C ASP A 267 -0.59 8.15 -8.35
N ILE A 268 -1.42 7.11 -8.36
CA ILE A 268 -0.99 5.77 -8.71
C ILE A 268 -0.47 5.71 -10.15
N VAL A 269 -1.24 6.28 -11.09
CA VAL A 269 -0.83 6.27 -12.50
C VAL A 269 0.54 6.96 -12.68
N GLY A 270 0.68 8.15 -12.11
CA GLY A 270 1.95 8.87 -12.15
C GLY A 270 3.12 8.15 -11.49
N ALA A 271 2.88 7.49 -10.36
CA ALA A 271 3.92 6.72 -9.68
C ALA A 271 4.36 5.50 -10.49
N VAL A 272 3.43 4.84 -11.16
CA VAL A 272 3.81 3.71 -12.01
C VAL A 272 4.66 4.21 -13.17
N GLU A 273 4.30 5.37 -13.72
CA GLU A 273 5.06 5.98 -14.79
C GLU A 273 6.50 6.27 -14.34
N ARG A 274 6.71 6.26 -13.03
CA ARG A 274 8.03 6.56 -12.45
C ARG A 274 8.68 5.35 -11.80
N GLY A 275 8.11 4.16 -12.05
CA GLY A 275 8.74 2.90 -11.68
C GLY A 275 8.27 2.22 -10.40
N ILE A 276 7.17 2.69 -9.82
CA ILE A 276 6.62 2.07 -8.61
C ILE A 276 5.80 0.82 -8.98
N ASP A 277 5.95 -0.24 -8.18
CA ASP A 277 5.26 -1.52 -8.38
C ASP A 277 4.18 -1.87 -7.36
N MET A 278 4.18 -1.20 -6.20
CA MET A 278 3.25 -1.58 -5.13
C MET A 278 2.72 -0.35 -4.42
N PHE A 279 1.45 -0.40 -4.07
CA PHE A 279 0.72 0.73 -3.44
C PHE A 279 -0.19 0.26 -2.33
N ASP A 280 -0.43 1.12 -1.34
CA ASP A 280 -1.47 0.89 -0.35
C ASP A 280 -2.03 2.26 0.04
N CYS A 281 -3.31 2.31 0.37
CA CYS A 281 -3.91 3.52 0.94
CA CYS A 281 -3.87 3.49 1.02
C CYS A 281 -5.23 3.19 1.61
N VAL A 282 -5.58 3.93 2.65
CA VAL A 282 -6.85 3.72 3.31
C VAL A 282 -7.95 4.43 2.55
N LEU A 283 -7.53 5.30 1.63
CA LEU A 283 -8.46 6.11 0.83
C LEU A 283 -9.74 5.39 0.32
N PRO A 284 -9.60 4.27 -0.43
CA PRO A 284 -10.82 3.67 -0.99
C PRO A 284 -11.78 3.13 0.07
N THR A 285 -11.24 2.55 1.14
CA THR A 285 -12.05 2.12 2.27
C THR A 285 -12.59 3.34 3.06
N ARG A 286 -11.68 4.16 3.56
CA ARG A 286 -12.02 5.37 4.30
C ARG A 286 -13.02 6.29 3.58
N SER A 287 -12.72 6.66 2.34
CA SER A 287 -13.58 7.59 1.61
C SER A 287 -14.89 6.92 1.18
N GLY A 288 -14.87 5.59 1.08
CA GLY A 288 -16.07 4.81 0.84
C GLY A 288 -17.12 5.09 1.91
N ARG A 289 -16.76 4.84 3.17
CA ARG A 289 -17.64 5.14 4.30
C ARG A 289 -18.09 6.62 4.35
N ASN A 290 -17.28 7.51 3.80
CA ASN A 290 -17.53 8.95 3.73
C ASN A 290 -18.56 9.33 2.65
N GLY A 291 -18.80 8.42 1.71
CA GLY A 291 -19.70 8.69 0.60
C GLY A 291 -18.98 8.94 -0.72
N GLN A 292 -17.65 8.93 -0.73
CA GLN A 292 -16.94 9.18 -1.98
C GLN A 292 -16.75 7.87 -2.77
N ALA A 293 -17.24 7.85 -4.00
CA ALA A 293 -17.14 6.69 -4.89
C ALA A 293 -16.24 7.06 -6.07
N PHE A 294 -15.24 6.23 -6.35
CA PHE A 294 -14.37 6.51 -7.51
C PHE A 294 -15.02 6.02 -8.80
N THR A 295 -14.88 6.80 -9.87
CA THR A 295 -15.44 6.43 -11.18
C THR A 295 -14.41 6.80 -12.24
N TRP A 296 -14.56 6.26 -13.45
CA TRP A 296 -13.63 6.64 -14.52
C TRP A 296 -13.75 8.11 -14.90
N ASP A 297 -14.89 8.72 -14.58
CA ASP A 297 -15.07 10.14 -14.79
C ASP A 297 -14.76 10.97 -13.55
N GLY A 298 -13.99 10.41 -12.63
CA GLY A 298 -13.64 11.14 -11.42
C GLY A 298 -14.50 10.73 -10.22
N PRO A 299 -14.12 11.21 -9.03
CA PRO A 299 -14.89 10.78 -7.87
C PRO A 299 -16.21 11.53 -7.80
N ILE A 300 -17.23 10.89 -7.23
CA ILE A 300 -18.49 11.57 -6.97
C ILE A 300 -18.79 11.39 -5.48
N ASN A 301 -19.56 12.31 -4.90
CA ASN A 301 -20.03 12.03 -3.56
C ASN A 301 -21.48 11.62 -3.58
N ILE A 302 -21.71 10.36 -3.25
CA ILE A 302 -23.03 9.74 -3.44
C ILE A 302 -24.13 10.37 -2.54
N ARG A 303 -23.70 11.13 -1.53
N ARG A 303 -23.72 11.14 -1.54
CA ARG A 303 -24.62 11.85 -0.64
CA ARG A 303 -24.65 11.83 -0.65
C ARG A 303 -25.34 12.98 -1.35
C ARG A 303 -25.33 13.00 -1.35
N ASN A 304 -24.71 13.50 -2.41
CA ASN A 304 -25.27 14.63 -3.15
C ASN A 304 -26.71 14.37 -3.61
N ALA A 305 -27.59 15.34 -3.36
CA ALA A 305 -29.01 15.23 -3.70
C ALA A 305 -29.27 14.84 -5.16
N ARG A 306 -28.34 15.16 -6.05
CA ARG A 306 -28.54 14.85 -7.46
C ARG A 306 -28.65 13.34 -7.72
N PHE A 307 -28.23 12.53 -6.75
CA PHE A 307 -28.26 11.07 -6.92
C PHE A 307 -29.48 10.41 -6.29
N SER A 308 -30.38 11.21 -5.73
CA SER A 308 -31.47 10.66 -4.93
C SER A 308 -32.43 9.81 -5.76
N GLU A 309 -32.52 10.10 -7.07
CA GLU A 309 -33.41 9.32 -7.95
C GLU A 309 -32.66 8.78 -9.18
N ASP A 310 -31.34 8.63 -9.05
CA ASP A 310 -30.50 8.22 -10.16
C ASP A 310 -30.47 6.67 -10.17
N LEU A 311 -31.06 6.07 -11.19
CA LEU A 311 -31.11 4.61 -11.28
C LEU A 311 -29.86 3.96 -11.84
N LYS A 312 -28.93 4.74 -12.38
CA LYS A 312 -27.64 4.19 -12.83
C LYS A 312 -26.77 3.59 -11.71
N PRO A 313 -25.93 2.60 -12.05
CA PRO A 313 -24.97 2.10 -11.07
C PRO A 313 -23.89 3.16 -10.78
N LEU A 314 -23.13 3.00 -9.71
CA LEU A 314 -22.05 3.94 -9.35
C LEU A 314 -21.15 4.29 -10.54
N ASP A 315 -20.72 3.26 -11.25
CA ASP A 315 -19.97 3.48 -12.48
C ASP A 315 -20.55 2.60 -13.59
N SER A 316 -20.77 3.19 -14.76
CA SER A 316 -21.44 2.52 -15.86
C SER A 316 -20.58 1.44 -16.52
N GLU A 317 -19.28 1.41 -16.20
CA GLU A 317 -18.36 0.47 -16.81
C GLU A 317 -17.83 -0.55 -15.80
N CYS A 318 -17.87 -0.18 -14.52
CA CYS A 318 -17.38 -1.04 -13.45
C CYS A 318 -18.01 -2.43 -13.49
N HIS A 319 -17.19 -3.47 -13.32
CA HIS A 319 -17.71 -4.84 -13.37
C HIS A 319 -17.99 -5.44 -11.98
N CYS A 320 -17.91 -4.62 -10.92
CA CYS A 320 -18.07 -5.14 -9.55
C CYS A 320 -19.51 -5.54 -9.25
N ALA A 321 -19.69 -6.36 -8.22
CA ALA A 321 -21.02 -6.87 -7.85
C ALA A 321 -21.99 -5.77 -7.45
N VAL A 322 -21.49 -4.70 -6.83
CA VAL A 322 -22.35 -3.60 -6.42
C VAL A 322 -22.95 -2.92 -7.65
N CYS A 323 -22.12 -2.69 -8.66
CA CYS A 323 -22.56 -2.00 -9.85
C CYS A 323 -23.48 -2.87 -10.71
N GLN A 324 -23.44 -4.17 -10.49
CA GLN A 324 -24.28 -5.08 -11.26
C GLN A 324 -25.70 -5.10 -10.69
N LYS A 325 -25.83 -4.75 -9.41
CA LYS A 325 -27.11 -4.93 -8.70
C LYS A 325 -27.79 -3.65 -8.18
N TRP A 326 -27.01 -2.70 -7.67
CA TRP A 326 -27.64 -1.56 -6.99
C TRP A 326 -27.44 -0.20 -7.65
N SER A 327 -28.45 0.64 -7.51
CA SER A 327 -28.44 1.98 -8.07
C SER A 327 -27.72 2.99 -7.18
N ARG A 328 -27.31 4.08 -7.81
CA ARG A 328 -26.85 5.28 -7.10
C ARG A 328 -27.90 5.74 -6.11
N ALA A 329 -29.18 5.74 -6.53
CA ALA A 329 -30.29 6.13 -5.64
C ALA A 329 -30.35 5.30 -4.34
N TYR A 330 -30.27 3.98 -4.46
CA TYR A 330 -30.22 3.12 -3.27
C TYR A 330 -29.01 3.42 -2.36
N ILE A 331 -27.82 3.55 -2.93
CA ILE A 331 -26.62 3.73 -2.12
C ILE A 331 -26.67 5.10 -1.45
N HIS A 332 -27.08 6.10 -2.22
CA HIS A 332 -27.36 7.44 -1.68
C HIS A 332 -28.23 7.37 -0.44
N HIS A 333 -29.36 6.69 -0.54
CA HIS A 333 -30.26 6.45 0.61
C HIS A 333 -29.52 5.78 1.80
N LEU A 334 -28.80 4.69 1.56
CA LEU A 334 -28.10 3.98 2.66
C LEU A 334 -27.06 4.88 3.34
N ILE A 335 -26.31 5.61 2.54
CA ILE A 335 -25.23 6.42 3.12
C ILE A 335 -25.85 7.58 3.93
N ARG A 336 -26.89 8.19 3.37
CA ARG A 336 -27.58 9.25 4.12
C ARG A 336 -28.27 8.76 5.38
N ALA A 337 -28.77 7.54 5.35
CA ALA A 337 -29.40 6.93 6.52
C ALA A 337 -28.42 6.35 7.55
N GLY A 338 -27.13 6.35 7.25
CA GLY A 338 -26.13 5.80 8.16
C GLY A 338 -26.14 4.28 8.25
N GLU A 339 -26.67 3.62 7.23
CA GLU A 339 -26.77 2.16 7.24
C GLU A 339 -25.44 1.46 6.95
N ILE A 340 -25.18 0.39 7.69
CA ILE A 340 -23.97 -0.39 7.48
C ILE A 340 -23.86 -0.91 6.04
N LEU A 341 -24.98 -1.30 5.44
CA LEU A 341 -24.90 -1.79 4.06
C LEU A 341 -24.36 -0.72 3.10
N GLY A 342 -24.57 0.55 3.42
CA GLY A 342 -24.01 1.63 2.61
C GLY A 342 -22.48 1.57 2.61
N ALA A 343 -21.92 1.42 3.79
CA ALA A 343 -20.47 1.29 3.94
C ALA A 343 -19.97 0.06 3.21
N MET A 344 -20.69 -1.05 3.34
CA MET A 344 -20.29 -2.30 2.68
C MET A 344 -20.24 -2.14 1.18
N LEU A 345 -21.31 -1.58 0.62
CA LEU A 345 -21.40 -1.45 -0.83
C LEU A 345 -20.40 -0.44 -1.37
N MET A 346 -20.27 0.70 -0.70
CA MET A 346 -19.31 1.71 -1.16
C MET A 346 -17.86 1.18 -1.10
N THR A 347 -17.54 0.44 -0.06
CA THR A 347 -16.15 -0.02 0.11
C THR A 347 -15.85 -1.09 -0.95
N GLU A 348 -16.81 -1.99 -1.19
CA GLU A 348 -16.58 -3.02 -2.20
C GLU A 348 -16.36 -2.38 -3.57
N HIS A 349 -17.19 -1.40 -3.89
CA HIS A 349 -17.05 -0.73 -5.16
C HIS A 349 -15.68 -0.08 -5.30
N ASN A 350 -15.28 0.67 -4.28
CA ASN A 350 -14.05 1.45 -4.36
C ASN A 350 -12.84 0.55 -4.45
N ILE A 351 -12.82 -0.53 -3.67
CA ILE A 351 -11.72 -1.48 -3.75
C ILE A 351 -11.71 -2.18 -5.13
N ALA A 352 -12.88 -2.52 -5.64
CA ALA A 352 -12.97 -3.15 -6.96
C ALA A 352 -12.50 -2.15 -8.04
N PHE A 353 -12.83 -0.88 -7.88
CA PHE A 353 -12.37 0.13 -8.82
C PHE A 353 -10.84 0.19 -8.84
N TYR A 354 -10.25 0.25 -7.66
CA TYR A 354 -8.79 0.26 -7.57
C TYR A 354 -8.16 -0.97 -8.27
N GLN A 355 -8.72 -2.14 -8.03
CA GLN A 355 -8.18 -3.36 -8.68
C GLN A 355 -8.35 -3.31 -10.21
N GLN A 356 -9.49 -2.78 -10.67
CA GLN A 356 -9.69 -2.64 -12.11
C GLN A 356 -8.67 -1.66 -12.69
N LEU A 357 -8.40 -0.59 -11.95
CA LEU A 357 -7.37 0.36 -12.37
C LEU A 357 -6.02 -0.36 -12.48
N MET A 358 -5.67 -1.20 -11.50
CA MET A 358 -4.35 -1.85 -11.54
C MET A 358 -4.32 -2.85 -12.71
N GLN A 359 -5.45 -3.50 -12.95
CA GLN A 359 -5.52 -4.46 -14.07
C GLN A 359 -5.29 -3.74 -15.41
N LYS A 360 -5.94 -2.59 -15.59
CA LYS A 360 -5.79 -1.84 -16.84
C LYS A 360 -4.35 -1.33 -17.01
N ILE A 361 -3.73 -0.94 -15.90
CA ILE A 361 -2.32 -0.53 -15.91
C ILE A 361 -1.43 -1.69 -16.33
N ARG A 362 -1.61 -2.84 -15.69
CA ARG A 362 -0.82 -4.03 -16.02
C ARG A 362 -0.96 -4.41 -17.49
N ASP A 363 -2.20 -4.46 -17.97
CA ASP A 363 -2.45 -4.82 -19.36
C ASP A 363 -1.82 -3.81 -20.32
N SER A 364 -1.89 -2.53 -19.99
CA SER A 364 -1.40 -1.53 -20.93
C SER A 364 0.13 -1.58 -21.01
N ILE A 365 0.77 -1.82 -19.87
CA ILE A 365 2.22 -1.98 -19.88
C ILE A 365 2.62 -3.23 -20.67
N SER A 366 1.94 -4.34 -20.43
CA SER A 366 2.22 -5.57 -21.18
C SER A 366 2.08 -5.36 -22.69
N GLU A 367 1.16 -4.48 -23.09
CA GLU A 367 0.86 -4.25 -24.50
C GLU A 367 1.61 -3.05 -25.08
N GLY A 368 2.48 -2.46 -24.26
CA GLY A 368 3.27 -1.31 -24.66
C GLY A 368 2.44 -0.08 -25.01
N ARG A 369 1.34 0.11 -24.32
CA ARG A 369 0.48 1.27 -24.57
C ARG A 369 0.10 1.99 -23.27
N PHE A 370 0.93 1.83 -22.24
CA PHE A 370 0.66 2.46 -20.93
C PHE A 370 0.68 4.00 -21.00
N SER A 371 1.61 4.54 -21.79
CA SER A 371 1.66 5.97 -22.01
C SER A 371 0.32 6.50 -22.51
N GLN A 372 -0.25 5.82 -23.50
CA GLN A 372 -1.55 6.21 -24.03
C GLN A 372 -2.67 6.02 -22.98
N PHE A 373 -2.64 4.90 -22.27
CA PHE A 373 -3.60 4.66 -21.20
C PHE A 373 -3.60 5.79 -20.18
N ALA A 374 -2.42 6.19 -19.73
CA ALA A 374 -2.28 7.24 -18.71
C ALA A 374 -2.90 8.53 -19.18
N GLN A 375 -2.59 8.89 -20.43
CA GLN A 375 -3.19 10.08 -21.05
C GLN A 375 -4.71 9.98 -21.15
N ASP A 376 -5.23 8.88 -21.68
CA ASP A 376 -6.68 8.69 -21.80
C ASP A 376 -7.36 8.69 -20.44
N PHE A 377 -6.69 8.08 -19.46
CA PHE A 377 -7.22 8.00 -18.12
C PHE A 377 -7.38 9.40 -17.54
N ARG A 378 -6.33 10.21 -17.65
CA ARG A 378 -6.34 11.55 -17.07
C ARG A 378 -7.36 12.46 -17.75
N ALA A 379 -7.46 12.36 -19.07
CA ALA A 379 -8.40 13.18 -19.81
C ALA A 379 -9.83 12.96 -19.33
N ARG A 380 -10.19 11.70 -19.11
CA ARG A 380 -11.54 11.39 -18.69
C ARG A 380 -11.77 11.67 -17.20
N TYR A 381 -10.82 11.28 -16.37
CA TYR A 381 -10.97 11.36 -14.93
C TYR A 381 -11.10 12.82 -14.47
N PHE A 382 -10.41 13.71 -15.18
CA PHE A 382 -10.41 15.14 -14.87
C PHE A 382 -11.19 15.99 -15.87
N ALA A 383 -12.09 15.37 -16.64
CA ALA A 383 -12.88 16.08 -17.65
C ALA A 383 -13.81 17.12 -17.02
ZN ZN B . -18.64 -0.93 -9.07
C1 GOL C . -10.38 -15.45 0.89
O1 GOL C . -10.92 -15.44 2.19
C2 GOL C . -9.02 -16.14 0.96
O2 GOL C . -8.61 -16.25 2.29
C3 GOL C . -8.01 -15.36 0.15
O3 GOL C . -7.99 -15.90 -1.15
C1 GOL D . 21.40 -4.84 -3.55
O1 GOL D . 21.75 -5.83 -2.61
C2 GOL D . 20.14 -5.22 -4.34
O2 GOL D . 19.17 -5.91 -3.57
C3 GOL D . 20.50 -5.95 -5.63
O3 GOL D . 19.35 -6.19 -6.39
C1 GOL E . 5.70 -16.01 7.48
O1 GOL E . 4.52 -16.79 7.55
C2 GOL E . 6.67 -16.42 8.58
O2 GOL E . 6.60 -17.82 8.81
C3 GOL E . 6.36 -15.67 9.87
O3 GOL E . 7.55 -15.17 10.43
C6 QEI F . 4.87 7.37 4.25
C9 QEI F . 5.54 5.41 5.86
C10 QEI F . 4.80 4.41 6.48
C11 QEI F . 6.93 5.48 6.09
N1 QEI F . 3.56 7.70 3.64
C7 QEI F . 4.62 6.16 5.12
C8 QEI F . 3.37 5.60 5.31
N2 QEI F . 3.51 4.54 6.15
N3 QEI F . 5.41 3.52 7.28
C12 QEI F . 6.75 3.60 7.48
N5 QEI F . 7.37 2.60 8.37
N4 QEI F . 7.49 4.56 6.89
O3 QEI F . 7.65 6.36 5.55
#